data_9P8L
#
_entry.id   9P8L
#
_cell.length_a   46.584
_cell.length_b   74.424
_cell.length_c   80.330
_cell.angle_alpha   90.000
_cell.angle_beta   90.000
_cell.angle_gamma   90.000
#
_symmetry.space_group_name_H-M   'P 2 21 21'
#
loop_
_entity.id
_entity.type
_entity.pdbx_description
1 polymer Lockin
2 non-polymer (2R,3R,3aS,5S,6R,7S,8R,11R,13S,15aR)-2-(6-amino-9H-purin-9-yl)-3,6,7,11,13-pentahydroxyoctahydro-2H,5H,11H,13H-5,8-epoxy-11lambda~5~,13lambda~5~-furo[2,3-g][1,3,5,9,2,4]tetraoxadiphosphacyclotetradecine-11,13-dione
3 water water
#
_entity_poly.entity_id   1
_entity_poly.type   'polypeptide(L)'
_entity_poly.pdbx_seq_one_letter_code
;SMKEKDLGITEVRGAKANITDLVVYGNGDTFALLCKASSQEQGWMKSTKVCNVYGGCIVQVTTQQRNPDGSYALAEALTF
VPNNHIDTSGNTRFIGKI
;
_entity_poly.pdbx_strand_id   A,B,C
#
loop_
_chem_comp.id
_chem_comp.type
_chem_comp.name
_chem_comp.formula
OJC non-polymer (2R,3R,3aS,5S,6R,7S,8R,11R,13S,15aR)-2-(6-amino-9H-purin-9-yl)-3,6,7,11,13-pentahydroxyoctahydro-2H,5H,11H,13H-5,8-epoxy-11lambda~5~,13lambda~5~-furo[2,3-g][1,3,5,9,2,4]tetraoxadiphosphacyclotetradecine-11,13-dione 'C15 H21 N5 O13 P2'
#
# COMPACT_ATOMS: atom_id res chain seq x y z
N LYS A 5 3.27 -13.84 -16.85
CA LYS A 5 2.17 -13.27 -16.09
C LYS A 5 1.52 -12.11 -16.84
N ASP A 6 0.22 -12.21 -17.08
CA ASP A 6 -0.53 -11.12 -17.70
C ASP A 6 -0.81 -10.07 -16.64
N LEU A 7 -0.32 -8.85 -16.84
CA LEU A 7 -0.40 -7.82 -15.81
C LEU A 7 -1.69 -6.99 -15.83
N GLY A 8 -2.62 -7.28 -16.75
CA GLY A 8 -3.80 -6.43 -16.87
C GLY A 8 -5.17 -7.08 -16.80
N ILE A 9 -5.27 -8.28 -16.20
CA ILE A 9 -6.56 -8.95 -16.07
C ILE A 9 -7.47 -8.19 -15.13
N THR A 10 -8.75 -8.05 -15.52
CA THR A 10 -9.72 -7.29 -14.74
C THR A 10 -10.94 -8.09 -14.27
N GLU A 11 -11.26 -9.20 -14.94
CA GLU A 11 -12.32 -10.08 -14.46
C GLU A 11 -12.02 -11.49 -14.94
N VAL A 12 -12.76 -12.46 -14.40
CA VAL A 12 -12.46 -13.85 -14.70
C VAL A 12 -12.80 -14.21 -16.14
N ARG A 13 -13.70 -13.47 -16.78
CA ARG A 13 -13.99 -13.75 -18.19
C ARG A 13 -12.82 -13.33 -19.08
N GLY A 14 -12.20 -12.19 -18.77
CA GLY A 14 -11.02 -11.77 -19.51
C GLY A 14 -9.81 -12.65 -19.24
N ALA A 15 -9.76 -13.26 -18.05
CA ALA A 15 -8.66 -14.18 -17.74
C ALA A 15 -8.77 -15.47 -18.56
N LYS A 16 -9.98 -16.04 -18.64
CA LYS A 16 -10.16 -17.27 -19.41
C LYS A 16 -9.95 -17.03 -20.90
N ALA A 17 -10.19 -15.81 -21.38
CA ALA A 17 -10.02 -15.49 -22.79
C ALA A 17 -8.57 -15.25 -23.18
N ASN A 18 -7.66 -15.10 -22.20
CA ASN A 18 -6.27 -14.81 -22.48
C ASN A 18 -5.28 -15.84 -21.94
N ILE A 19 -5.71 -16.71 -21.03
CA ILE A 19 -4.84 -17.76 -20.48
C ILE A 19 -5.43 -19.10 -20.92
N THR A 20 -4.69 -19.83 -21.76
CA THR A 20 -5.25 -21.02 -22.37
C THR A 20 -5.41 -22.16 -21.37
N ASP A 21 -4.56 -22.23 -20.34
CA ASP A 21 -4.60 -23.35 -19.41
C ASP A 21 -5.18 -22.96 -18.05
N LEU A 22 -5.86 -21.81 -17.97
CA LEU A 22 -6.44 -21.37 -16.72
C LEU A 22 -7.43 -22.39 -16.18
N VAL A 23 -7.35 -22.63 -14.87
CA VAL A 23 -8.29 -23.49 -14.16
C VAL A 23 -8.86 -22.68 -13.02
N VAL A 24 -10.20 -22.61 -12.94
CA VAL A 24 -10.87 -21.82 -11.90
C VAL A 24 -11.77 -22.75 -11.10
N TYR A 25 -11.64 -22.69 -9.77
CA TYR A 25 -12.55 -23.39 -8.87
C TYR A 25 -13.44 -22.37 -8.19
N GLY A 26 -14.75 -22.66 -8.14
CA GLY A 26 -15.68 -21.76 -7.47
C GLY A 26 -16.00 -20.52 -8.31
N ASN A 27 -16.53 -19.51 -7.62
CA ASN A 27 -16.86 -18.25 -8.28
C ASN A 27 -15.58 -17.43 -8.42
N GLY A 28 -15.04 -17.35 -9.63
CA GLY A 28 -13.79 -16.66 -9.87
C GLY A 28 -13.84 -15.16 -9.64
N ASP A 29 -15.04 -14.58 -9.52
CA ASP A 29 -15.20 -13.18 -9.18
C ASP A 29 -15.65 -12.97 -7.74
N THR A 30 -15.38 -13.95 -6.86
CA THR A 30 -15.67 -13.78 -5.44
C THR A 30 -15.07 -12.48 -4.91
N PHE A 31 -13.82 -12.20 -5.28
CA PHE A 31 -13.16 -10.91 -5.02
C PHE A 31 -13.25 -10.08 -6.29
N ALA A 32 -14.16 -9.11 -6.29
CA ALA A 32 -14.39 -8.26 -7.45
C ALA A 32 -13.34 -7.15 -7.52
N LEU A 33 -12.87 -6.87 -8.73
CA LEU A 33 -11.83 -5.87 -8.90
C LEU A 33 -12.40 -4.47 -8.67
N LEU A 34 -11.77 -3.72 -7.76
CA LEU A 34 -12.15 -2.34 -7.47
C LEU A 34 -11.36 -1.36 -8.33
N CYS A 35 -10.04 -1.45 -8.29
CA CYS A 35 -9.20 -0.60 -9.11
C CYS A 35 -7.89 -1.33 -9.38
N LYS A 36 -7.21 -0.91 -10.44
CA LYS A 36 -5.97 -1.56 -10.83
C LYS A 36 -5.13 -0.60 -11.65
N ALA A 37 -3.81 -0.66 -11.46
CA ALA A 37 -2.86 0.04 -12.32
C ALA A 37 -1.77 -0.94 -12.70
N SER A 38 -1.32 -0.87 -13.94
CA SER A 38 -0.24 -1.75 -14.38
C SER A 38 0.57 -1.07 -15.48
N SER A 39 1.84 -1.47 -15.58
CA SER A 39 2.71 -1.11 -16.68
C SER A 39 3.40 -2.39 -17.13
N GLN A 40 3.10 -2.84 -18.35
CA GLN A 40 3.76 -4.04 -18.85
C GLN A 40 5.26 -3.83 -19.03
N GLU A 41 5.67 -2.61 -19.37
CA GLU A 41 7.08 -2.32 -19.62
C GLU A 41 7.87 -2.19 -18.32
N GLN A 42 7.33 -1.46 -17.34
CA GLN A 42 7.99 -1.39 -16.04
C GLN A 42 7.77 -2.65 -15.22
N GLY A 43 6.84 -3.52 -15.63
CA GLY A 43 6.71 -4.84 -15.06
C GLY A 43 5.92 -4.95 -13.77
N TRP A 44 4.98 -4.03 -13.50
CA TRP A 44 4.28 -4.09 -12.22
C TRP A 44 2.77 -3.99 -12.40
N MET A 45 2.07 -4.51 -11.41
CA MET A 45 0.62 -4.41 -11.32
C MET A 45 0.24 -4.26 -9.86
N LYS A 46 -0.76 -3.41 -9.60
CA LYS A 46 -1.26 -3.20 -8.25
C LYS A 46 -2.77 -3.16 -8.34
N SER A 47 -3.45 -3.89 -7.45
CA SER A 47 -4.90 -3.99 -7.54
C SER A 47 -5.50 -4.03 -6.14
N THR A 48 -6.75 -3.61 -6.06
CA THR A 48 -7.59 -3.82 -4.88
C THR A 48 -8.80 -4.62 -5.33
N LYS A 49 -9.14 -5.66 -4.57
CA LYS A 49 -10.30 -6.48 -4.84
C LYS A 49 -11.14 -6.60 -3.57
N VAL A 50 -12.44 -6.82 -3.74
CA VAL A 50 -13.37 -6.77 -2.60
C VAL A 50 -14.35 -7.94 -2.69
N CYS A 51 -14.50 -8.66 -1.59
CA CYS A 51 -15.49 -9.72 -1.43
C CYS A 51 -16.58 -9.26 -0.46
N ASN A 52 -17.80 -9.10 -0.97
CA ASN A 52 -18.93 -8.70 -0.15
C ASN A 52 -19.41 -9.87 0.71
N VAL A 53 -19.62 -9.61 2.01
CA VAL A 53 -20.12 -10.62 2.93
C VAL A 53 -21.25 -10.01 3.76
N TYR A 54 -21.79 -10.79 4.69
CA TYR A 54 -22.90 -10.30 5.50
C TYR A 54 -22.38 -9.26 6.48
N GLY A 55 -22.91 -8.04 6.39
CA GLY A 55 -22.53 -6.98 7.29
C GLY A 55 -21.20 -6.31 7.02
N GLY A 56 -20.56 -6.59 5.89
CA GLY A 56 -19.30 -5.92 5.61
C GLY A 56 -18.65 -6.50 4.37
N CYS A 57 -17.37 -6.22 4.23
CA CYS A 57 -16.67 -6.74 3.07
C CYS A 57 -15.22 -7.02 3.45
N ILE A 58 -14.57 -7.83 2.63
CA ILE A 58 -13.16 -8.19 2.80
C ILE A 58 -12.39 -7.52 1.68
N VAL A 59 -11.38 -6.74 2.04
CA VAL A 59 -10.64 -5.95 1.07
C VAL A 59 -9.21 -6.49 0.96
N GLN A 60 -8.80 -6.80 -0.26
CA GLN A 60 -7.48 -7.34 -0.56
C GLN A 60 -6.70 -6.35 -1.40
N VAL A 61 -5.45 -6.10 -1.04
CA VAL A 61 -4.54 -5.35 -1.91
C VAL A 61 -3.42 -6.26 -2.38
N THR A 62 -3.07 -6.13 -3.65
CA THR A 62 -2.13 -7.01 -4.32
C THR A 62 -1.09 -6.19 -5.07
N THR A 63 0.17 -6.59 -4.97
CA THR A 63 1.25 -5.98 -5.75
C THR A 63 2.10 -7.09 -6.35
N GLN A 64 2.47 -6.94 -7.62
CA GLN A 64 3.39 -7.87 -8.27
C GLN A 64 4.36 -7.07 -9.12
N GLN A 65 5.65 -7.36 -8.97
CA GLN A 65 6.70 -6.64 -9.68
C GLN A 65 7.61 -7.66 -10.35
N ARG A 66 7.77 -7.53 -11.67
CA ARG A 66 8.67 -8.38 -12.44
C ARG A 66 10.08 -7.80 -12.39
N ASN A 67 11.06 -8.69 -12.28
CA ASN A 67 12.46 -8.32 -12.23
C ASN A 67 13.11 -8.43 -13.60
N PRO A 68 14.27 -7.76 -13.81
CA PRO A 68 14.96 -7.86 -15.11
C PRO A 68 15.23 -9.29 -15.54
N ASP A 69 15.50 -10.19 -14.60
CA ASP A 69 15.80 -11.57 -14.95
C ASP A 69 14.56 -12.43 -15.16
N GLY A 70 13.36 -11.84 -15.10
CA GLY A 70 12.12 -12.53 -15.38
C GLY A 70 11.41 -13.06 -14.15
N SER A 71 12.07 -13.05 -12.99
CA SER A 71 11.44 -13.46 -11.75
C SER A 71 10.49 -12.36 -11.25
N TYR A 72 9.80 -12.67 -10.13
CA TYR A 72 8.78 -11.79 -9.56
C TYR A 72 8.98 -11.58 -8.07
N ALA A 73 8.56 -10.41 -7.61
CA ALA A 73 8.32 -10.14 -6.20
C ALA A 73 6.83 -9.89 -6.01
N LEU A 74 6.28 -10.37 -4.89
CA LEU A 74 4.86 -10.39 -4.64
C LEU A 74 4.59 -9.88 -3.24
N ALA A 75 3.42 -9.25 -3.07
CA ALA A 75 2.95 -8.93 -1.72
C ALA A 75 1.43 -8.91 -1.71
N GLU A 76 0.86 -9.22 -0.56
CA GLU A 76 -0.59 -9.26 -0.40
C GLU A 76 -0.95 -8.76 0.98
N ALA A 77 -2.12 -8.14 1.10
CA ALA A 77 -2.63 -7.80 2.42
C ALA A 77 -4.15 -7.79 2.38
N LEU A 78 -4.75 -7.92 3.57
CA LEU A 78 -6.19 -8.20 3.68
C LEU A 78 -6.76 -7.56 4.94
N THR A 79 -7.98 -7.04 4.87
CA THR A 79 -8.65 -6.55 6.07
C THR A 79 -10.17 -6.65 5.90
N PHE A 80 -10.86 -6.67 7.04
CA PHE A 80 -12.32 -6.63 7.06
C PHE A 80 -12.82 -5.21 7.29
N VAL A 81 -13.87 -4.84 6.55
CA VAL A 81 -14.44 -3.50 6.61
C VAL A 81 -15.91 -3.62 6.96
N PRO A 82 -16.33 -3.18 8.14
CA PRO A 82 -17.73 -3.35 8.54
C PRO A 82 -18.64 -2.37 7.81
N ASN A 83 -19.85 -2.86 7.47
CA ASN A 83 -20.97 -2.08 6.95
C ASN A 83 -20.69 -1.43 5.59
N ASN A 84 -19.75 -1.97 4.83
CA ASN A 84 -19.46 -1.52 3.48
C ASN A 84 -19.49 -2.70 2.53
N HIS A 85 -19.88 -2.42 1.29
CA HIS A 85 -19.77 -3.36 0.16
C HIS A 85 -19.16 -2.63 -1.02
N ILE A 86 -18.50 -3.38 -1.91
CA ILE A 86 -18.15 -2.83 -3.21
C ILE A 86 -19.42 -2.71 -4.05
N ASP A 87 -19.59 -1.57 -4.68
CA ASP A 87 -20.69 -1.31 -5.60
C ASP A 87 -20.18 -1.59 -7.00
N THR A 88 -20.82 -2.54 -7.68
CA THR A 88 -20.43 -2.93 -9.03
C THR A 88 -21.48 -2.53 -10.07
N SER A 89 -22.42 -1.65 -9.70
CA SER A 89 -23.49 -1.27 -10.61
C SER A 89 -23.07 -0.18 -11.57
N GLY A 90 -21.88 0.40 -11.39
CA GLY A 90 -21.35 1.40 -12.29
C GLY A 90 -20.06 0.90 -12.91
N ASN A 91 -19.57 1.66 -13.90
CA ASN A 91 -18.32 1.31 -14.56
C ASN A 91 -17.13 1.54 -13.64
N THR A 92 -17.18 2.58 -12.81
CA THR A 92 -16.13 2.89 -11.85
C THR A 92 -16.63 2.48 -10.47
N ARG A 93 -16.03 1.44 -9.91
CA ARG A 93 -16.56 0.86 -8.69
C ARG A 93 -16.02 1.60 -7.46
N PHE A 94 -16.76 1.46 -6.36
CA PHE A 94 -16.36 2.10 -5.10
C PHE A 94 -16.85 1.26 -3.94
N ILE A 95 -16.23 1.47 -2.79
CA ILE A 95 -16.68 0.85 -1.54
C ILE A 95 -17.55 1.87 -0.80
N GLY A 96 -18.73 1.45 -0.38
CA GLY A 96 -19.64 2.36 0.30
C GLY A 96 -20.61 1.61 1.18
N LYS A 97 -21.46 2.39 1.86
CA LYS A 97 -22.41 1.82 2.82
C LYS A 97 -23.25 0.72 2.16
N ILE A 98 -23.43 -0.38 2.88
CA ILE A 98 -24.30 -1.46 2.43
C ILE A 98 -25.73 -0.96 2.29
N GLU B 4 13.16 1.48 -15.62
CA GLU B 4 12.98 0.99 -14.25
C GLU B 4 11.73 1.59 -13.61
N LYS B 5 11.26 0.96 -12.54
CA LYS B 5 10.14 1.47 -11.78
C LYS B 5 10.39 2.91 -11.37
N ASP B 6 9.43 3.78 -11.67
CA ASP B 6 9.43 5.14 -11.15
C ASP B 6 9.00 5.06 -9.69
N LEU B 7 9.88 5.45 -8.78
CA LEU B 7 9.60 5.33 -7.35
C LEU B 7 8.99 6.61 -6.75
N GLY B 8 8.66 7.61 -7.56
CA GLY B 8 8.20 8.88 -7.03
C GLY B 8 6.79 9.32 -7.39
N ILE B 9 5.96 8.41 -7.91
CA ILE B 9 4.60 8.78 -8.34
C ILE B 9 3.76 9.14 -7.13
N THR B 10 2.97 10.22 -7.25
CA THR B 10 2.10 10.67 -6.16
C THR B 10 0.61 10.69 -6.49
N GLU B 11 0.23 10.56 -7.76
CA GLU B 11 -1.18 10.43 -8.15
C GLU B 11 -1.25 9.94 -9.58
N VAL B 12 -2.47 9.62 -10.02
CA VAL B 12 -2.68 9.01 -11.34
C VAL B 12 -2.25 9.96 -12.45
N ARG B 13 -2.61 11.24 -12.35
CA ARG B 13 -2.24 12.15 -13.43
C ARG B 13 -0.72 12.15 -13.63
N GLY B 14 0.04 12.09 -12.53
CA GLY B 14 1.49 12.04 -12.65
C GLY B 14 1.99 10.73 -13.23
N ALA B 15 1.35 9.61 -12.86
CA ALA B 15 1.72 8.32 -13.45
C ALA B 15 1.45 8.29 -14.95
N LYS B 16 0.28 8.78 -15.38
CA LYS B 16 -0.03 8.79 -16.80
C LYS B 16 0.96 9.65 -17.59
N ALA B 17 1.40 10.75 -16.99
CA ALA B 17 2.33 11.65 -17.67
C ALA B 17 3.75 11.10 -17.70
N ASN B 18 4.10 10.13 -16.85
CA ASN B 18 5.46 9.63 -16.78
C ASN B 18 5.60 8.17 -17.18
N ILE B 19 4.50 7.44 -17.34
CA ILE B 19 4.52 6.02 -17.68
C ILE B 19 3.69 5.86 -18.95
N THR B 20 4.37 5.66 -20.09
CA THR B 20 3.68 5.76 -21.38
C THR B 20 2.66 4.64 -21.58
N ASP B 21 2.89 3.45 -21.03
CA ASP B 21 1.97 2.34 -21.23
C ASP B 21 1.09 2.05 -20.01
N LEU B 22 0.96 3.00 -19.09
CA LEU B 22 0.12 2.80 -17.92
C LEU B 22 -1.32 2.48 -18.32
N VAL B 23 -1.91 1.49 -17.65
CA VAL B 23 -3.31 1.14 -17.83
C VAL B 23 -3.97 1.19 -16.46
N VAL B 24 -5.07 1.94 -16.34
CA VAL B 24 -5.77 2.07 -15.07
C VAL B 24 -7.20 1.56 -15.24
N TYR B 25 -7.60 0.63 -14.39
CA TYR B 25 -8.99 0.18 -14.30
C TYR B 25 -9.64 0.83 -13.09
N GLY B 26 -10.81 1.43 -13.28
CA GLY B 26 -11.45 2.07 -12.16
C GLY B 26 -10.76 3.38 -11.80
N ASN B 27 -11.04 3.85 -10.57
CA ASN B 27 -10.48 5.10 -10.08
C ASN B 27 -9.13 4.78 -9.46
N GLY B 28 -8.05 5.15 -10.15
CA GLY B 28 -6.72 4.84 -9.66
C GLY B 28 -6.28 5.68 -8.49
N ASP B 29 -7.04 6.70 -8.10
CA ASP B 29 -6.78 7.43 -6.88
C ASP B 29 -7.66 6.97 -5.73
N THR B 30 -8.32 5.80 -5.87
CA THR B 30 -9.14 5.24 -4.79
C THR B 30 -8.36 5.19 -3.48
N PHE B 31 -7.09 4.74 -3.55
CA PHE B 31 -6.17 4.83 -2.43
C PHE B 31 -5.34 6.09 -2.60
N ALA B 32 -5.74 7.14 -1.88
CA ALA B 32 -5.14 8.45 -2.01
C ALA B 32 -3.84 8.55 -1.21
N LEU B 33 -2.83 9.17 -1.81
CA LEU B 33 -1.54 9.26 -1.14
C LEU B 33 -1.61 10.18 0.07
N LEU B 34 -1.16 9.67 1.22
CA LEU B 34 -1.04 10.46 2.44
C LEU B 34 0.35 11.04 2.62
N CYS B 35 1.35 10.17 2.54
CA CYS B 35 2.73 10.61 2.63
C CYS B 35 3.57 9.64 1.84
N LYS B 36 4.73 10.13 1.40
CA LYS B 36 5.64 9.30 0.65
C LYS B 36 7.05 9.82 0.82
N ALA B 37 8.02 8.90 0.85
CA ALA B 37 9.43 9.25 0.75
C ALA B 37 10.06 8.30 -0.25
N SER B 38 10.99 8.83 -1.05
CA SER B 38 11.64 7.98 -2.05
C SER B 38 13.00 8.56 -2.41
N SER B 39 13.87 7.68 -2.88
CA SER B 39 15.14 8.05 -3.48
C SER B 39 15.29 7.20 -4.73
N GLN B 40 15.25 7.83 -5.91
CA GLN B 40 15.41 7.08 -7.15
C GLN B 40 16.80 6.46 -7.25
N GLU B 41 17.83 7.15 -6.72
CA GLU B 41 19.18 6.63 -6.83
C GLU B 41 19.47 5.54 -5.81
N GLN B 42 19.05 5.72 -4.55
CA GLN B 42 19.16 4.65 -3.57
C GLN B 42 18.17 3.53 -3.82
N GLY B 43 17.12 3.79 -4.59
CA GLY B 43 16.27 2.73 -5.08
C GLY B 43 15.14 2.29 -4.18
N TRP B 44 14.60 3.17 -3.34
CA TRP B 44 13.50 2.76 -2.48
C TRP B 44 12.40 3.79 -2.46
N MET B 45 11.19 3.32 -2.13
CA MET B 45 10.08 4.21 -1.85
C MET B 45 9.26 3.62 -0.72
N LYS B 46 8.70 4.50 0.10
CA LYS B 46 7.78 4.09 1.15
C LYS B 46 6.59 5.03 1.14
N SER B 47 5.38 4.49 1.16
CA SER B 47 4.21 5.35 1.08
C SER B 47 3.08 4.83 1.95
N THR B 48 2.23 5.77 2.36
CA THR B 48 0.96 5.47 3.02
C THR B 48 -0.17 6.03 2.18
N LYS B 49 -1.17 5.19 1.91
CA LYS B 49 -2.33 5.55 1.10
C LYS B 49 -3.60 5.24 1.88
N VAL B 50 -4.67 6.00 1.60
CA VAL B 50 -5.90 5.88 2.38
C VAL B 50 -7.10 5.86 1.44
N CYS B 51 -7.99 4.90 1.65
CA CYS B 51 -9.27 4.79 0.95
C CYS B 51 -10.39 5.10 1.93
N ASN B 52 -11.04 6.25 1.77
CA ASN B 52 -12.17 6.59 2.63
C ASN B 52 -13.38 5.73 2.28
N VAL B 53 -14.07 5.22 3.31
CA VAL B 53 -15.27 4.41 3.13
C VAL B 53 -16.30 4.87 4.15
N TYR B 54 -17.47 4.22 4.17
CA TYR B 54 -18.51 4.64 5.10
C TYR B 54 -18.12 4.27 6.51
N GLY B 55 -17.99 5.27 7.38
CA GLY B 55 -17.69 5.02 8.78
C GLY B 55 -16.24 4.81 9.12
N GLY B 56 -15.33 4.96 8.16
CA GLY B 56 -13.92 4.82 8.47
C GLY B 56 -13.09 4.86 7.19
N CYS B 57 -11.88 4.33 7.29
CA CYS B 57 -11.02 4.34 6.11
C CYS B 57 -10.11 3.11 6.15
N ILE B 58 -9.55 2.80 4.99
CA ILE B 58 -8.63 1.67 4.83
C ILE B 58 -7.25 2.26 4.59
N VAL B 59 -6.27 1.87 5.40
CA VAL B 59 -4.93 2.45 5.33
C VAL B 59 -3.96 1.38 4.86
N GLN B 60 -3.20 1.73 3.83
CA GLN B 60 -2.22 0.86 3.21
C GLN B 60 -0.83 1.45 3.40
N VAL B 61 0.13 0.63 3.81
CA VAL B 61 1.52 1.03 3.80
C VAL B 61 2.26 0.15 2.79
N THR B 62 3.15 0.78 2.03
CA THR B 62 3.76 0.17 0.87
C THR B 62 5.26 0.45 0.91
N THR B 63 6.08 -0.57 0.66
CA THR B 63 7.53 -0.41 0.61
C THR B 63 8.06 -1.16 -0.60
N GLN B 64 8.96 -0.52 -1.33
CA GLN B 64 9.64 -1.17 -2.45
C GLN B 64 11.11 -0.79 -2.43
N GLN B 65 12.00 -1.79 -2.59
CA GLN B 65 13.44 -1.56 -2.55
C GLN B 65 14.07 -2.22 -3.77
N ARG B 66 14.88 -1.46 -4.50
CA ARG B 66 15.58 -1.99 -5.66
C ARG B 66 16.91 -2.59 -5.22
N ASN B 67 17.25 -3.73 -5.81
CA ASN B 67 18.51 -4.41 -5.51
C ASN B 67 19.58 -4.00 -6.51
N PRO B 68 20.86 -4.24 -6.19
CA PRO B 68 21.92 -3.89 -7.14
C PRO B 68 21.80 -4.56 -8.50
N ASP B 69 21.24 -5.76 -8.56
CA ASP B 69 21.06 -6.43 -9.84
C ASP B 69 19.81 -5.96 -10.59
N GLY B 70 19.10 -4.96 -10.07
CA GLY B 70 17.94 -4.42 -10.74
C GLY B 70 16.62 -5.04 -10.35
N SER B 71 16.63 -6.12 -9.56
CA SER B 71 15.43 -6.73 -9.03
C SER B 71 14.91 -5.92 -7.85
N TYR B 72 13.77 -6.36 -7.30
CA TYR B 72 13.07 -5.63 -6.23
C TYR B 72 12.66 -6.55 -5.09
N ALA B 73 12.63 -5.96 -3.89
CA ALA B 73 11.93 -6.49 -2.73
C ALA B 73 10.73 -5.59 -2.46
N LEU B 74 9.63 -6.20 -2.00
CA LEU B 74 8.35 -5.52 -1.85
C LEU B 74 7.70 -5.94 -0.54
N ALA B 75 6.86 -5.04 0.00
CA ALA B 75 6.02 -5.41 1.14
C ALA B 75 4.79 -4.52 1.15
N GLU B 76 3.69 -5.07 1.67
CA GLU B 76 2.43 -4.36 1.77
C GLU B 76 1.78 -4.71 3.10
N ALA B 77 1.00 -3.78 3.65
CA ALA B 77 0.19 -4.08 4.83
C ALA B 77 -1.02 -3.15 4.82
N LEU B 78 -2.07 -3.57 5.55
CA LEU B 78 -3.39 -2.98 5.40
C LEU B 78 -4.15 -3.06 6.72
N THR B 79 -4.90 -2.01 7.07
CA THR B 79 -5.77 -2.09 8.23
C THR B 79 -6.95 -1.14 8.06
N PHE B 80 -8.05 -1.48 8.73
CA PHE B 80 -9.23 -0.60 8.79
C PHE B 80 -9.12 0.32 10.01
N VAL B 81 -9.52 1.57 9.82
CA VAL B 81 -9.45 2.59 10.86
C VAL B 81 -10.83 3.19 11.06
N PRO B 82 -11.50 2.94 12.18
CA PRO B 82 -12.88 3.45 12.32
C PRO B 82 -12.92 4.96 12.54
N ASN B 83 -13.94 5.59 11.94
CA ASN B 83 -14.32 6.98 12.18
C ASN B 83 -13.23 7.98 11.79
N ASN B 84 -12.30 7.59 10.92
CA ASN B 84 -11.34 8.51 10.34
C ASN B 84 -11.45 8.47 8.82
N HIS B 85 -11.04 9.58 8.20
CA HIS B 85 -10.91 9.73 6.76
C HIS B 85 -9.61 10.49 6.48
N ILE B 86 -9.03 10.27 5.30
CA ILE B 86 -7.97 11.18 4.88
C ILE B 86 -8.61 12.50 4.47
N ASP B 87 -8.03 13.60 4.93
CA ASP B 87 -8.48 14.94 4.58
C ASP B 87 -7.51 15.48 3.54
N THR B 88 -8.02 15.75 2.34
CA THR B 88 -7.20 16.22 1.23
C THR B 88 -7.52 17.66 0.84
N SER B 89 -8.12 18.43 1.75
CA SER B 89 -8.57 19.78 1.46
C SER B 89 -7.49 20.84 1.67
N GLY B 90 -6.33 20.47 2.21
CA GLY B 90 -5.28 21.42 2.51
C GLY B 90 -3.95 20.99 1.93
N ASN B 91 -2.94 21.83 2.18
CA ASN B 91 -1.61 21.59 1.60
C ASN B 91 -1.03 20.26 2.08
N THR B 92 -1.18 19.96 3.37
CA THR B 92 -0.72 18.70 3.93
C THR B 92 -1.93 17.82 4.25
N ARG B 93 -1.92 16.60 3.73
CA ARG B 93 -3.00 15.68 4.00
C ARG B 93 -2.79 15.02 5.35
N PHE B 94 -3.90 14.66 6.00
CA PHE B 94 -3.82 14.00 7.30
C PHE B 94 -5.02 13.08 7.47
N ILE B 95 -4.87 12.09 8.35
CA ILE B 95 -5.97 11.23 8.76
C ILE B 95 -6.61 11.82 10.02
N GLY B 96 -7.92 12.02 9.99
CA GLY B 96 -8.58 12.60 11.15
C GLY B 96 -10.05 12.23 11.18
N LYS B 97 -10.73 12.74 12.22
CA LYS B 97 -12.13 12.40 12.45
C LYS B 97 -12.96 12.71 11.22
N ILE B 98 -13.86 11.79 10.87
CA ILE B 98 -14.75 12.00 9.74
C ILE B 98 -15.63 13.22 9.99
N ASN C 18 21.46 12.86 4.49
CA ASN C 18 22.33 11.79 4.03
C ASN C 18 21.96 11.33 2.62
N ILE C 19 20.71 11.58 2.23
CA ILE C 19 20.18 11.14 0.94
C ILE C 19 19.98 12.38 0.08
N THR C 20 20.83 12.54 -0.94
CA THR C 20 20.86 13.80 -1.68
C THR C 20 19.61 13.99 -2.53
N ASP C 21 19.06 12.91 -3.09
CA ASP C 21 17.93 13.02 -3.99
C ASP C 21 16.60 12.64 -3.32
N LEU C 22 16.54 12.73 -1.99
CA LEU C 22 15.32 12.39 -1.28
C LEU C 22 14.19 13.31 -1.68
N VAL C 23 13.02 12.72 -1.95
CA VAL C 23 11.80 13.47 -2.23
C VAL C 23 10.74 13.02 -1.24
N VAL C 24 10.14 13.98 -0.54
CA VAL C 24 9.10 13.70 0.45
C VAL C 24 7.80 14.37 0.01
N TYR C 25 6.71 13.62 0.08
CA TYR C 25 5.37 14.13 -0.15
C TYR C 25 4.60 14.13 1.17
N GLY C 26 4.06 15.29 1.54
CA GLY C 26 3.32 15.38 2.79
C GLY C 26 4.23 15.41 4.01
N ASN C 27 3.65 15.06 5.15
CA ASN C 27 4.39 14.95 6.40
C ASN C 27 5.16 13.63 6.39
N GLY C 28 6.48 13.73 6.22
CA GLY C 28 7.33 12.54 6.22
C GLY C 28 7.42 11.84 7.55
N ASP C 29 6.82 12.42 8.59
CA ASP C 29 6.80 11.82 9.91
C ASP C 29 5.39 11.38 10.31
N THR C 30 4.49 11.21 9.32
CA THR C 30 3.15 10.74 9.62
C THR C 30 3.19 9.51 10.52
N PHE C 31 4.13 8.59 10.26
CA PHE C 31 4.42 7.49 11.17
C PHE C 31 5.66 7.85 11.97
N ALA C 32 5.44 8.31 13.21
CA ALA C 32 6.53 8.73 14.10
C ALA C 32 7.27 7.52 14.67
N LEU C 33 8.59 7.65 14.80
CA LEU C 33 9.40 6.53 15.24
C LEU C 33 9.20 6.27 16.73
N LEU C 34 8.92 5.00 17.06
CA LEU C 34 8.77 4.55 18.45
C LEU C 34 10.04 3.90 18.97
N CYS C 35 10.58 2.93 18.23
CA CYS C 35 11.85 2.34 18.58
C CYS C 35 12.50 1.82 17.30
N LYS C 36 13.81 1.59 17.39
CA LYS C 36 14.55 1.11 16.24
C LYS C 36 15.82 0.44 16.75
N ALA C 37 16.20 -0.65 16.09
CA ALA C 37 17.49 -1.28 16.30
C ALA C 37 18.10 -1.56 14.93
N SER C 38 19.42 -1.40 14.81
CA SER C 38 20.05 -1.68 13.53
C SER C 38 21.51 -2.05 13.73
N SER C 39 22.04 -2.76 12.73
CA SER C 39 23.46 -3.08 12.66
C SER C 39 23.91 -2.93 11.22
N GLN C 40 24.80 -1.98 10.95
CA GLN C 40 25.24 -1.79 9.57
C GLN C 40 26.08 -2.97 9.10
N GLU C 41 26.88 -3.58 9.98
CA GLU C 41 27.72 -4.70 9.57
C GLU C 41 26.89 -5.95 9.32
N GLN C 42 26.00 -6.30 10.26
CA GLN C 42 25.14 -7.46 10.05
C GLN C 42 24.04 -7.17 9.04
N GLY C 43 23.79 -5.89 8.74
CA GLY C 43 22.95 -5.53 7.62
C GLY C 43 21.46 -5.57 7.85
N TRP C 44 21.00 -5.36 9.08
CA TRP C 44 19.56 -5.38 9.33
C TRP C 44 19.11 -4.14 10.10
N MET C 45 17.84 -3.78 9.89
CA MET C 45 17.19 -2.76 10.70
C MET C 45 15.76 -3.20 11.01
N LYS C 46 15.30 -2.85 12.20
CA LYS C 46 13.94 -3.17 12.63
C LYS C 46 13.40 -1.95 13.35
N SER C 47 12.19 -1.55 13.01
CA SER C 47 11.62 -0.35 13.61
C SER C 47 10.13 -0.53 13.83
N THR C 48 9.61 0.26 14.77
CA THR C 48 8.18 0.42 15.00
C THR C 48 7.85 1.91 14.86
N LYS C 49 6.81 2.23 14.11
CA LYS C 49 6.39 3.60 13.87
C LYS C 49 4.90 3.71 14.16
N VAL C 50 4.44 4.90 14.57
CA VAL C 50 3.06 5.07 15.03
C VAL C 50 2.48 6.35 14.46
N CYS C 51 1.29 6.24 13.85
CA CYS C 51 0.52 7.37 13.34
C CYS C 51 -0.70 7.57 14.24
N ASN C 52 -0.74 8.70 14.94
CA ASN C 52 -1.88 9.04 15.80
C ASN C 52 -3.05 9.54 14.96
N VAL C 53 -4.25 8.98 15.23
CA VAL C 53 -5.46 9.35 14.51
C VAL C 53 -6.56 9.61 15.54
N TYR C 54 -7.76 9.95 15.07
CA TYR C 54 -8.85 10.21 16.01
C TYR C 54 -9.30 8.91 16.68
N GLY C 55 -9.19 8.86 18.00
CA GLY C 55 -9.64 7.72 18.77
C GLY C 55 -8.71 6.52 18.79
N GLY C 56 -7.49 6.63 18.28
CA GLY C 56 -6.59 5.50 18.31
C GLY C 56 -5.33 5.82 17.51
N CYS C 57 -4.61 4.76 17.14
CA CYS C 57 -3.38 4.97 16.40
C CYS C 57 -3.13 3.77 15.49
N ILE C 58 -2.26 3.97 14.50
CA ILE C 58 -1.89 2.96 13.52
C ILE C 58 -0.45 2.61 13.79
N VAL C 59 -0.16 1.33 14.02
CA VAL C 59 1.17 0.88 14.39
C VAL C 59 1.75 0.04 13.27
N GLN C 60 2.94 0.42 12.82
CA GLN C 60 3.64 -0.22 11.71
C GLN C 60 4.94 -0.83 12.23
N VAL C 61 5.19 -2.09 11.89
CA VAL C 61 6.48 -2.71 12.16
C VAL C 61 7.18 -3.01 10.85
N THR C 62 8.48 -2.74 10.81
CA THR C 62 9.29 -2.81 9.60
C THR C 62 10.55 -3.60 9.86
N THR C 63 10.90 -4.50 8.93
CA THR C 63 12.18 -5.20 9.00
C THR C 63 12.84 -5.13 7.64
N GLN C 64 14.16 -4.92 7.63
CA GLN C 64 14.91 -4.96 6.38
C GLN C 64 16.24 -5.64 6.65
N GLN C 65 16.61 -6.58 5.78
CA GLN C 65 17.83 -7.36 5.94
C GLN C 65 18.59 -7.33 4.62
N ARG C 66 19.85 -6.91 4.67
CA ARG C 66 20.70 -6.91 3.48
C ARG C 66 21.39 -8.26 3.35
N ASN C 67 21.52 -8.73 2.10
CA ASN C 67 22.12 -10.03 1.82
C ASN C 67 23.58 -9.86 1.44
N PRO C 68 24.37 -10.95 1.51
CA PRO C 68 25.78 -10.85 1.12
C PRO C 68 25.98 -10.35 -0.30
N ASP C 69 25.05 -10.61 -1.22
CA ASP C 69 25.23 -10.14 -2.59
C ASP C 69 24.74 -8.70 -2.78
N GLY C 70 24.32 -8.04 -1.71
CA GLY C 70 23.91 -6.65 -1.77
C GLY C 70 22.41 -6.44 -1.91
N SER C 71 21.65 -7.50 -2.20
CA SER C 71 20.20 -7.40 -2.29
C SER C 71 19.58 -7.33 -0.89
N TYR C 72 18.26 -7.16 -0.87
CA TYR C 72 17.51 -6.94 0.36
C TYR C 72 16.33 -7.90 0.49
N ALA C 73 16.02 -8.25 1.73
CA ALA C 73 14.73 -8.82 2.10
C ALA C 73 13.99 -7.81 2.98
N LEU C 74 12.67 -7.74 2.84
CA LEU C 74 11.85 -6.71 3.47
C LEU C 74 10.57 -7.32 4.02
N ALA C 75 10.06 -6.75 5.11
CA ALA C 75 8.75 -7.15 5.57
C ALA C 75 8.09 -5.98 6.29
N GLU C 76 6.76 -5.96 6.28
CA GLU C 76 5.99 -4.88 6.89
C GLU C 76 4.70 -5.46 7.46
N ALA C 77 4.24 -4.87 8.56
CA ALA C 77 2.94 -5.25 9.10
C ALA C 77 2.34 -4.04 9.81
N LEU C 78 1.03 -4.08 9.99
CA LEU C 78 0.28 -2.89 10.35
C LEU C 78 -0.95 -3.29 11.15
N THR C 79 -1.28 -2.52 12.20
CA THR C 79 -2.53 -2.75 12.92
C THR C 79 -3.05 -1.45 13.53
N PHE C 80 -4.35 -1.44 13.80
CA PHE C 80 -5.01 -0.33 14.49
C PHE C 80 -5.12 -0.65 15.97
N VAL C 81 -4.84 0.35 16.81
CA VAL C 81 -4.93 0.20 18.26
C VAL C 81 -5.89 1.25 18.80
N PRO C 82 -7.04 0.87 19.37
CA PRO C 82 -8.00 1.87 19.84
C PRO C 82 -7.55 2.53 21.14
N ASN C 83 -7.86 3.83 21.24
CA ASN C 83 -7.73 4.63 22.47
C ASN C 83 -6.30 4.74 22.95
N ASN C 84 -5.33 4.55 22.04
CA ASN C 84 -3.93 4.76 22.32
C ASN C 84 -3.35 5.74 21.31
N HIS C 85 -2.33 6.49 21.76
CA HIS C 85 -1.49 7.33 20.92
C HIS C 85 -0.04 7.07 21.29
N ILE C 86 0.87 7.26 20.32
CA ILE C 86 2.27 7.38 20.72
C ILE C 86 2.43 8.69 21.47
N ASP C 87 2.99 8.59 22.68
CA ASP C 87 3.26 9.75 23.53
C ASP C 87 4.70 10.16 23.26
N THR C 88 4.88 11.35 22.68
CA THR C 88 6.21 11.87 22.34
C THR C 88 6.65 12.99 23.27
N SER C 89 6.03 13.09 24.45
CA SER C 89 6.32 14.19 25.35
C SER C 89 7.64 14.03 26.11
N GLY C 90 8.32 12.88 25.99
CA GLY C 90 9.62 12.67 26.60
C GLY C 90 10.59 12.04 25.62
N ASN C 91 11.84 11.88 26.07
CA ASN C 91 12.88 11.32 25.20
C ASN C 91 12.55 9.90 24.79
N THR C 92 12.03 9.10 25.71
CA THR C 92 11.63 7.73 25.40
C THR C 92 10.14 7.73 25.07
N ARG C 93 9.82 7.45 23.82
CA ARG C 93 8.43 7.45 23.39
C ARG C 93 7.78 6.13 23.77
N PHE C 94 6.46 6.17 23.97
CA PHE C 94 5.72 4.95 24.30
C PHE C 94 4.29 5.10 23.81
N ILE C 95 3.64 3.95 23.59
CA ILE C 95 2.23 3.93 23.23
C ILE C 95 1.41 3.82 24.50
N GLY C 96 0.42 4.70 24.64
CA GLY C 96 -0.37 4.73 25.86
C GLY C 96 -1.70 5.42 25.63
N LYS C 97 -2.50 5.44 26.69
CA LYS C 97 -3.87 5.96 26.62
C LYS C 97 -3.89 7.38 26.07
N ILE C 98 -4.80 7.63 25.14
CA ILE C 98 -4.99 8.98 24.62
C ILE C 98 -5.35 9.93 25.77
N OJC D . -8.41 -15.61 -4.08
C OJC D . -8.73 -16.46 -5.05
O OJC D . -6.93 -14.70 -10.06
C1 OJC D . -7.93 -14.41 -4.34
C2 OJC D . -7.73 -14.03 -5.68
C3 OJC D . -8.05 -14.93 -6.64
C10 OJC D . -8.08 -9.16 -10.76
C11 OJC D . -9.39 -9.85 -11.13
C12 OJC D . -10.07 -10.36 -9.91
C13 OJC D . -10.87 -11.53 -10.39
C14 OJC D . -10.29 -11.94 -11.69
C4 OJC D . -7.30 -13.14 -7.62
C5 OJC D . -7.99 -14.99 -9.13
C6 OJC D . -9.24 -14.41 -9.66
C7 OJC D . -8.83 -13.49 -10.68
C8 OJC D . -7.61 -14.20 -11.26
C9 OJC D . -6.74 -13.23 -11.96
N1 OJC D . -8.54 -16.16 -6.32
N2 OJC D . -7.76 -14.36 -7.85
N3 OJC D . -7.26 -12.92 -6.32
N4 OJC D . -7.63 -13.52 -3.25
O1 OJC D . -5.79 -12.71 -11.02
O10 OJC D . -12.23 -11.17 -10.57
O11 OJC D . -10.88 -9.37 -9.34
O12 OJC D . -10.09 -15.47 -10.23
O2 OJC D . -3.32 -12.39 -10.98
O3 OJC D . -4.36 -11.90 -13.07
O4 OJC D . -4.57 -10.21 -11.06
O5 OJC D . -5.23 -10.25 -8.63
O6 OJC D . -5.50 -8.09 -9.71
O7 OJC D . -7.19 -10.09 -10.17
O8 OJC D . -9.14 -11.03 -11.93
O9 OJC D . -9.87 -13.28 -11.67
P OJC D . -4.55 -11.78 -11.59
P1 OJC D . -5.65 -9.60 -9.93
N OJC E . -4.75 -0.90 -5.21
C OJC E . -4.90 -0.62 -6.50
O OJC E . -0.59 2.24 -8.61
C1 OJC E . -3.79 -0.36 -4.50
C2 OJC E . -2.88 0.52 -5.12
C3 OJC E . -3.07 0.78 -6.45
C10 OJC E . 1.03 6.45 -4.97
C11 OJC E . -0.11 7.05 -5.79
C12 OJC E . -1.41 6.45 -5.38
C13 OJC E . -2.27 6.64 -6.60
C14 OJC E . -1.34 6.76 -7.74
C4 OJC E . -1.35 1.92 -5.79
C5 OJC E . -1.95 2.19 -8.16
C6 OJC E . -2.42 3.60 -8.06
C7 OJC E . -1.25 4.42 -8.17
C8 OJC E . -0.38 3.59 -9.10
C9 OJC E . 1.04 3.97 -8.93
N1 OJC E . -4.09 0.20 -7.13
N2 OJC E . -2.09 1.64 -6.83
N3 OJC E . -1.80 1.25 -4.74
N4 OJC E . -3.66 -0.68 -3.11
O1 OJC E . 1.52 3.34 -7.73
O10 OJC E . -3.02 7.84 -6.46
O11 OJC E . -1.93 7.12 -4.26
O12 OJC E . -3.37 3.88 -9.13
O2 OJC E . 3.76 4.23 -8.46
O3 OJC E . 3.77 2.02 -7.51
O4 OJC E . 3.48 4.13 -5.97
O5 OJC E . 1.96 2.84 -4.41
O6 OJC E . 3.08 4.75 -3.41
O7 OJC E . 1.03 5.05 -5.09
O8 OJC E . 0.02 6.70 -7.17
O9 OJC E . -1.54 5.74 -8.70
P OJC E . 3.14 3.36 -7.39
P1 OJC E . 2.40 4.25 -4.71
N OJC F . 4.65 5.77 4.62
C OJC F . 5.29 6.78 4.04
O OJC F . 10.80 6.71 5.05
C1 OJC F . 5.25 4.98 5.49
C2 OJC F . 6.60 5.22 5.80
C3 OJC F . 7.22 6.26 5.19
C10 OJC F . 12.18 5.71 10.44
C11 OJC F . 11.79 7.20 10.44
C12 OJC F . 10.32 7.34 10.31
C13 OJC F . 10.13 8.66 9.63
C14 OJC F . 11.43 9.00 9.01
C4 OJC F . 8.67 5.31 6.49
C5 OJC F . 9.48 7.27 5.23
C6 OJC F . 9.56 8.28 6.33
C7 OJC F . 10.81 8.02 6.97
C8 OJC F . 11.69 7.60 5.79
C9 OJC F . 12.87 6.87 6.24
N1 OJC F . 6.54 7.04 4.31
N2 OJC F . 8.51 6.30 5.63
N3 OJC F . 7.53 4.64 6.62
N4 OJC F . 4.52 3.90 6.09
O1 OJC F . 12.59 5.45 6.24
O10 OJC F . 9.78 9.65 10.60
O11 OJC F . 9.69 7.34 11.57
O12 OJC F . 9.51 9.62 5.78
O2 OJC F . 13.75 3.36 5.50
O3 OJC F . 15.17 5.02 6.50
O4 OJC F . 13.58 3.53 8.01
O5 OJC F . 11.11 3.00 8.04
O6 OJC F . 12.26 2.65 10.16
O7 OJC F . 11.68 5.09 9.28
O8 OJC F . 12.32 7.85 9.27
O9 OJC F . 11.30 9.22 7.63
P OJC F . 13.81 4.40 6.60
P1 OJC F . 12.19 3.57 8.93
#